data_8QS3
#
_entry.id   8QS3
#
_cell.length_a   60.685
_cell.length_b   89.262
_cell.length_c   116.969
_cell.angle_alpha   90.00
_cell.angle_beta   90.00
_cell.angle_gamma   90.00
#
_symmetry.space_group_name_H-M   'P 2 21 21'
#
loop_
_entity.id
_entity.type
_entity.pdbx_description
1 polymer '14-3-3 protein sigma'
2 polymer 'C-RAF peptide pS259'
3 non-polymer 'CHLORIDE ION'
4 non-polymer 'MAGNESIUM ION'
5 non-polymer 2-chloranyl-~{N}-[[1-(4-iodophenyl)sulfonylpiperidin-4-yl]methyl]ethanamide
6 water water
#
loop_
_entity_poly.entity_id
_entity_poly.type
_entity_poly.pdbx_seq_one_letter_code
_entity_poly.pdbx_strand_id
1 'polypeptide(L)'
;AMGSMERASLIQKAKLAEQAERYEDMAAFMKGAVEKGEELSCEERNLLSVAYKNVVGGQRAAWRVLSSIEQKSNEEGSEE
KGPEVREYREKVETELQGVCDTVLGLLDSHLIKEAGDAESRVFYLKMKGDYYRYLAEVATGDDKKRIIDSARSAYQEAMD
ISKKEMPPTNPIRLGLALNFSVFHYEIANSPEEAISLAKTTFDEAMADLHTLSEDSYKDSTLIMQLLRDNLTLWT
;
A,M
2 'polypeptide(L)' QRST(SEP)TPNVH K,Y
#
loop_
_chem_comp.id
_chem_comp.type
_chem_comp.name
_chem_comp.formula
CL non-polymer 'CHLORIDE ION' 'Cl -1'
MG non-polymer 'MAGNESIUM ION' 'Mg 2'
WQI non-polymer 2-chloranyl-~{N}-[[1-(4-iodophenyl)sulfonylpiperidin-4-yl]methyl]ethanamide 'C14 H18 Cl I N2 O3 S'
#
# COMPACT_ATOMS: atom_id res chain seq x y z
N MET A 2 9.91 17.03 -10.67
CA MET A 2 8.79 17.04 -11.62
C MET A 2 8.84 18.21 -12.59
N GLY A 3 9.44 19.33 -12.15
CA GLY A 3 9.60 20.51 -12.97
C GLY A 3 10.23 20.26 -14.34
N SER A 4 11.20 19.33 -14.38
CA SER A 4 11.92 19.00 -15.60
C SER A 4 11.09 18.21 -16.61
N MET A 5 10.11 17.44 -16.12
CA MET A 5 9.32 16.59 -16.98
C MET A 5 8.23 17.42 -17.66
N GLU A 6 7.95 17.07 -18.92
CA GLU A 6 6.84 17.67 -19.66
C GLU A 6 5.51 17.26 -19.04
N ARG A 7 4.51 18.13 -19.16
CA ARG A 7 3.20 17.86 -18.58
C ARG A 7 2.64 16.53 -19.09
N ALA A 8 2.78 16.27 -20.40
CA ALA A 8 2.20 15.06 -20.97
C ALA A 8 2.84 13.82 -20.34
N SER A 9 4.14 13.91 -20.06
CA SER A 9 4.87 12.81 -19.44
C SER A 9 4.43 12.61 -17.99
N LEU A 10 4.19 13.71 -17.25
CA LEU A 10 3.70 13.61 -15.88
C LEU A 10 2.33 12.94 -15.84
N ILE A 11 1.44 13.30 -16.77
CA ILE A 11 0.13 12.66 -16.81
C ILE A 11 0.26 11.17 -17.14
N GLN A 12 1.12 10.84 -18.10
CA GLN A 12 1.30 9.45 -18.50
C GLN A 12 1.82 8.65 -17.30
N LYS A 13 2.78 9.23 -16.58
CA LYS A 13 3.34 8.51 -15.45
C LYS A 13 2.34 8.40 -14.31
N ALA A 14 1.48 9.40 -14.11
CA ALA A 14 0.41 9.26 -13.13
C ALA A 14 -0.48 8.07 -13.46
N LYS A 15 -0.82 7.90 -14.74
CA LYS A 15 -1.62 6.77 -15.18
C LYS A 15 -0.91 5.44 -14.97
N LEU A 16 0.41 5.40 -15.21
CA LEU A 16 1.19 4.20 -14.99
C LEU A 16 1.21 3.86 -13.49
N ALA A 17 1.44 4.88 -12.66
CA ALA A 17 1.48 4.68 -11.23
C ALA A 17 0.14 4.17 -10.71
N GLU A 18 -0.97 4.65 -11.30
CA GLU A 18 -2.29 4.15 -10.94
C GLU A 18 -2.39 2.65 -11.23
N GLN A 19 -1.98 2.24 -12.42
CA GLN A 19 -2.01 0.85 -12.84
C GLN A 19 -1.16 -0.01 -11.90
N ALA A 20 -0.05 0.56 -11.43
CA ALA A 20 0.86 -0.15 -10.54
C ALA A 20 0.50 -0.05 -9.06
N GLU A 21 -0.60 0.63 -8.75
CA GLU A 21 -1.06 0.86 -7.38
C GLU A 21 0.00 1.54 -6.52
N ARG A 22 0.72 2.47 -7.15
CA ARG A 22 1.74 3.27 -6.52
C ARG A 22 1.18 4.68 -6.31
N TYR A 23 0.34 4.85 -5.30
CA TYR A 23 -0.45 6.06 -5.18
C TYR A 23 0.34 7.27 -4.70
N GLU A 24 1.36 7.06 -3.88
CA GLU A 24 2.23 8.17 -3.51
C GLU A 24 2.91 8.75 -4.75
N ASP A 25 3.43 7.86 -5.61
CA ASP A 25 4.06 8.31 -6.85
C ASP A 25 3.02 9.03 -7.72
N MET A 26 1.83 8.42 -7.83
CA MET A 26 0.76 8.98 -8.64
C MET A 26 0.43 10.41 -8.22
N ALA A 27 0.32 10.62 -6.91
CA ALA A 27 0.02 11.93 -6.36
C ALA A 27 1.13 12.94 -6.67
N ALA A 28 2.39 12.50 -6.55
CA ALA A 28 3.52 13.38 -6.85
C ALA A 28 3.54 13.78 -8.33
N PHE A 29 3.22 12.83 -9.22
CA PHE A 29 3.16 13.14 -10.64
C PHE A 29 2.04 14.15 -10.89
N MET A 30 0.89 13.98 -10.24
CA MET A 30 -0.23 14.87 -10.47
C MET A 30 0.04 16.26 -9.89
N LYS A 31 0.75 16.32 -8.76
CA LYS A 31 1.18 17.61 -8.22
C LYS A 31 2.07 18.33 -9.23
N GLY A 32 3.03 17.60 -9.80
CA GLY A 32 3.87 18.18 -10.84
C GLY A 32 3.06 18.67 -12.03
N ALA A 33 2.05 17.90 -12.43
CA ALA A 33 1.22 18.30 -13.56
C ALA A 33 0.43 19.57 -13.24
N VAL A 34 -0.12 19.64 -12.03
CA VAL A 34 -0.87 20.82 -11.59
C VAL A 34 0.03 22.04 -11.66
N GLU A 35 1.28 21.88 -11.21
CA GLU A 35 2.23 22.99 -11.16
C GLU A 35 2.65 23.54 -12.53
N LYS A 36 2.30 22.84 -13.61
CA LYS A 36 2.47 23.38 -14.95
C LYS A 36 1.53 24.55 -15.25
N GLY A 37 0.47 24.71 -14.45
CA GLY A 37 -0.35 25.91 -14.49
C GLY A 37 -1.51 25.87 -15.48
N GLU A 38 -1.71 24.73 -16.16
CA GLU A 38 -2.90 24.50 -16.96
C GLU A 38 -4.03 23.93 -16.10
N GLU A 39 -5.28 24.23 -16.50
CA GLU A 39 -6.44 23.60 -15.87
C GLU A 39 -6.35 22.08 -16.07
N LEU A 40 -6.99 21.35 -15.16
CA LEU A 40 -7.11 19.91 -15.31
C LEU A 40 -8.41 19.58 -16.02
N SER A 41 -8.36 18.52 -16.84
CA SER A 41 -9.57 17.95 -17.41
C SER A 41 -10.28 17.11 -16.35
N CYS A 42 -11.49 16.63 -16.67
CA CYS A 42 -12.21 15.72 -15.79
C CYS A 42 -11.38 14.48 -15.47
N GLU A 43 -10.79 13.88 -16.51
CA GLU A 43 -9.97 12.70 -16.32
C GLU A 43 -8.84 13.00 -15.34
N GLU A 44 -8.22 14.17 -15.52
CA GLU A 44 -7.07 14.53 -14.70
C GLU A 44 -7.46 14.85 -13.26
N ARG A 45 -8.62 15.48 -13.07
CA ARG A 45 -9.14 15.67 -11.74
C ARG A 45 -9.36 14.33 -11.04
N ASN A 46 -9.85 13.34 -11.79
CA ASN A 46 -10.00 12.00 -11.24
C ASN A 46 -8.67 11.42 -10.82
N LEU A 47 -7.64 11.57 -11.66
CA LEU A 47 -6.31 11.10 -11.30
C LEU A 47 -5.83 11.76 -10.00
N LEU A 48 -6.00 13.08 -9.91
CA LEU A 48 -5.55 13.84 -8.75
C LEU A 48 -6.25 13.34 -7.49
N SER A 49 -7.57 13.23 -7.60
CA SER A 49 -8.43 12.82 -6.49
C SER A 49 -8.10 11.41 -6.00
N VAL A 50 -8.03 10.46 -6.94
CA VAL A 50 -7.77 9.07 -6.60
C VAL A 50 -6.43 8.94 -5.89
N ALA A 51 -5.41 9.63 -6.42
CA ALA A 51 -4.07 9.53 -5.89
C ALA A 51 -4.02 9.98 -4.43
N TYR A 52 -4.46 11.23 -4.18
CA TYR A 52 -4.31 11.79 -2.86
C TYR A 52 -5.26 11.12 -1.85
N LYS A 53 -6.44 10.70 -2.32
CA LYS A 53 -7.37 10.02 -1.41
C LYS A 53 -6.82 8.67 -0.98
N ASN A 54 -6.12 7.96 -1.88
CA ASN A 54 -5.49 6.71 -1.50
C ASN A 54 -4.41 6.93 -0.43
N VAL A 55 -3.58 7.97 -0.64
CA VAL A 55 -2.51 8.26 0.31
C VAL A 55 -3.08 8.62 1.68
N VAL A 56 -3.97 9.61 1.71
CA VAL A 56 -4.52 10.05 2.98
C VAL A 56 -5.41 8.97 3.60
N GLY A 57 -6.10 8.20 2.75
CA GLY A 57 -6.94 7.11 3.23
C GLY A 57 -6.15 6.09 4.03
N GLY A 58 -4.96 5.73 3.53
CA GLY A 58 -4.06 4.86 4.24
C GLY A 58 -3.64 5.43 5.60
N GLN A 59 -3.32 6.72 5.61
CA GLN A 59 -2.88 7.39 6.81
C GLN A 59 -4.01 7.49 7.83
N ARG A 60 -5.23 7.81 7.35
CA ARG A 60 -6.39 7.89 8.22
C ARG A 60 -6.66 6.53 8.87
N ALA A 61 -6.59 5.46 8.08
CA ALA A 61 -6.84 4.12 8.60
C ALA A 61 -5.81 3.78 9.69
N ALA A 62 -4.54 4.11 9.43
CA ALA A 62 -3.47 3.85 10.38
C ALA A 62 -3.69 4.66 11.65
N TRP A 63 -4.02 5.94 11.48
CA TRP A 63 -4.24 6.82 12.62
C TRP A 63 -5.35 6.29 13.50
N ARG A 64 -6.44 5.85 12.89
CA ARG A 64 -7.56 5.29 13.63
C ARG A 64 -7.16 4.05 14.43
N VAL A 65 -6.38 3.15 13.83
CA VAL A 65 -5.90 1.99 14.55
C VAL A 65 -5.10 2.40 15.79
N LEU A 66 -4.15 3.32 15.59
CA LEU A 66 -3.25 3.73 16.65
C LEU A 66 -3.98 4.51 17.74
N SER A 67 -4.90 5.39 17.34
CA SER A 67 -5.66 6.18 18.30
C SER A 67 -6.51 5.25 19.17
N SER A 68 -7.06 4.19 18.58
CA SER A 68 -7.83 3.22 19.34
C SER A 68 -6.97 2.50 20.38
N ILE A 69 -5.79 2.03 19.95
CA ILE A 69 -4.85 1.40 20.85
C ILE A 69 -4.46 2.34 21.99
N GLU A 70 -4.20 3.61 21.63
CA GLU A 70 -3.80 4.63 22.58
C GLU A 70 -4.88 4.83 23.65
N GLN A 71 -6.13 4.94 23.20
CA GLN A 71 -7.24 5.17 24.12
C GLN A 71 -7.48 3.97 25.02
N LYS A 72 -7.37 2.76 24.45
CA LYS A 72 -7.54 1.54 25.21
C LYS A 72 -6.47 1.43 26.28
N SER A 73 -5.22 1.70 25.88
CA SER A 73 -4.09 1.75 26.78
C SER A 73 -4.29 2.70 27.97
N ASN A 74 -4.72 3.93 27.65
CA ASN A 74 -4.96 4.94 28.68
C ASN A 74 -6.07 4.53 29.66
N GLY A 82 3.42 2.48 28.11
CA GLY A 82 4.58 3.35 27.91
C GLY A 82 4.29 4.47 26.90
N PRO A 83 5.30 5.26 26.50
CA PRO A 83 5.09 6.36 25.54
C PRO A 83 4.96 6.00 24.06
N GLU A 84 5.23 4.74 23.71
CA GLU A 84 5.43 4.36 22.32
C GLU A 84 4.21 4.60 21.42
N VAL A 85 3.02 4.20 21.89
CA VAL A 85 1.84 4.33 21.04
C VAL A 85 1.54 5.82 20.79
N ARG A 86 1.68 6.65 21.82
CA ARG A 86 1.46 8.08 21.64
C ARG A 86 2.45 8.64 20.63
N GLU A 87 3.73 8.30 20.80
CA GLU A 87 4.78 8.78 19.91
C GLU A 87 4.49 8.40 18.46
N TYR A 88 4.10 7.14 18.26
CA TYR A 88 3.93 6.63 16.91
C TYR A 88 2.64 7.16 16.29
N ARG A 89 1.58 7.28 17.11
CA ARG A 89 0.37 7.95 16.63
C ARG A 89 0.70 9.38 16.19
N GLU A 90 1.53 10.09 16.98
CA GLU A 90 1.91 11.45 16.62
C GLU A 90 2.69 11.49 15.31
N LYS A 91 3.56 10.51 15.09
CA LYS A 91 4.33 10.43 13.87
C LYS A 91 3.42 10.31 12.66
N VAL A 92 2.47 9.37 12.72
CA VAL A 92 1.54 9.16 11.62
C VAL A 92 0.68 10.41 11.42
N GLU A 93 0.22 10.99 12.53
CA GLU A 93 -0.60 12.19 12.49
C GLU A 93 0.10 13.32 11.74
N THR A 94 1.38 13.53 12.05
CA THR A 94 2.17 14.58 11.43
C THR A 94 2.28 14.35 9.93
N GLU A 95 2.48 13.09 9.52
CA GLU A 95 2.57 12.75 8.11
C GLU A 95 1.24 13.03 7.41
N LEU A 96 0.13 12.65 8.05
CA LEU A 96 -1.20 12.89 7.52
C LEU A 96 -1.45 14.39 7.34
N GLN A 97 -1.08 15.19 8.35
CA GLN A 97 -1.27 16.63 8.27
C GLN A 97 -0.45 17.21 7.13
N GLY A 98 0.75 16.65 6.91
CA GLY A 98 1.61 17.08 5.82
C GLY A 98 0.97 16.90 4.45
N VAL A 99 0.35 15.75 4.23
CA VAL A 99 -0.32 15.45 2.97
C VAL A 99 -1.52 16.37 2.79
N CYS A 100 -2.32 16.52 3.85
CA CYS A 100 -3.46 17.42 3.77
C CYS A 100 -3.01 18.84 3.43
N ASP A 101 -1.95 19.31 4.09
CA ASP A 101 -1.42 20.64 3.81
C ASP A 101 -0.95 20.77 2.36
N THR A 102 -0.33 19.71 1.81
CA THR A 102 0.11 19.72 0.43
C THR A 102 -1.08 19.90 -0.51
N VAL A 103 -2.16 19.14 -0.25
CA VAL A 103 -3.34 19.20 -1.08
C VAL A 103 -3.98 20.57 -0.98
N LEU A 104 -4.14 21.07 0.24
CA LEU A 104 -4.76 22.37 0.44
C LEU A 104 -3.92 23.46 -0.21
N GLY A 105 -2.59 23.31 -0.17
CA GLY A 105 -1.69 24.23 -0.84
C GLY A 105 -1.90 24.27 -2.36
N LEU A 106 -2.03 23.09 -2.97
CA LEU A 106 -2.29 23.01 -4.40
C LEU A 106 -3.62 23.66 -4.75
N LEU A 107 -4.62 23.44 -3.89
CA LEU A 107 -5.95 23.98 -4.15
C LEU A 107 -5.89 25.50 -4.10
N ASP A 108 -5.20 26.04 -3.08
CA ASP A 108 -5.13 27.48 -2.90
C ASP A 108 -4.24 28.16 -3.93
N SER A 109 -3.11 27.53 -4.28
CA SER A 109 -2.12 28.18 -5.12
C SER A 109 -2.40 28.07 -6.62
N HIS A 110 -3.10 27.00 -7.01
CA HIS A 110 -3.28 26.65 -8.42
C HIS A 110 -4.72 26.38 -8.84
N LEU A 111 -5.46 25.55 -8.10
CA LEU A 111 -6.64 24.93 -8.66
C LEU A 111 -7.93 25.74 -8.52
N ILE A 112 -8.16 26.33 -7.35
CA ILE A 112 -9.44 27.01 -7.11
C ILE A 112 -9.52 28.29 -7.93
N LYS A 113 -8.47 29.12 -7.84
CA LYS A 113 -8.46 30.38 -8.56
C LYS A 113 -8.51 30.22 -10.08
N GLU A 114 -7.85 29.17 -10.61
CA GLU A 114 -7.71 28.98 -12.04
C GLU A 114 -8.86 28.21 -12.70
N ALA A 115 -9.77 27.63 -11.91
CA ALA A 115 -10.94 26.95 -12.46
C ALA A 115 -11.87 27.93 -13.16
N GLY A 116 -12.28 27.57 -14.39
CA GLY A 116 -13.26 28.36 -15.13
C GLY A 116 -14.72 28.02 -14.81
N ASP A 117 -15.11 26.77 -15.09
CA ASP A 117 -16.51 26.39 -15.06
C ASP A 117 -16.96 25.98 -13.66
N ALA A 118 -18.29 25.92 -13.48
CA ALA A 118 -18.87 25.67 -12.17
C ALA A 118 -18.53 24.28 -11.64
N GLU A 119 -18.58 23.28 -12.52
CA GLU A 119 -18.26 21.91 -12.15
C GLU A 119 -16.89 21.82 -11.48
N SER A 120 -15.86 22.38 -12.12
CA SER A 120 -14.52 22.25 -11.57
C SER A 120 -14.36 23.10 -10.31
N ARG A 121 -14.98 24.28 -10.28
CA ARG A 121 -14.94 25.13 -9.10
C ARG A 121 -15.51 24.39 -7.90
N VAL A 122 -16.69 23.78 -8.08
CA VAL A 122 -17.35 23.03 -7.02
C VAL A 122 -16.52 21.83 -6.60
N PHE A 123 -15.98 21.09 -7.56
CA PHE A 123 -15.12 19.96 -7.24
C PHE A 123 -13.96 20.37 -6.33
N TYR A 124 -13.26 21.46 -6.69
CA TYR A 124 -12.11 21.86 -5.91
C TYR A 124 -12.49 22.37 -4.50
N LEU A 125 -13.62 23.07 -4.41
CA LEU A 125 -14.08 23.52 -3.10
C LEU A 125 -14.52 22.34 -2.24
N LYS A 126 -15.18 21.35 -2.85
CA LYS A 126 -15.46 20.11 -2.14
C LYS A 126 -14.17 19.47 -1.62
N MET A 127 -13.14 19.41 -2.48
CA MET A 127 -11.89 18.81 -2.08
C MET A 127 -11.27 19.57 -0.92
N LYS A 128 -11.33 20.91 -0.96
CA LYS A 128 -10.86 21.72 0.13
C LYS A 128 -11.58 21.39 1.44
N GLY A 129 -12.91 21.25 1.36
CA GLY A 129 -13.71 20.85 2.50
C GLY A 129 -13.27 19.50 3.04
N ASP A 130 -13.08 18.53 2.14
CA ASP A 130 -12.67 17.20 2.52
C ASP A 130 -11.34 17.18 3.26
N TYR A 131 -10.34 17.91 2.74
CA TYR A 131 -9.01 17.82 3.37
C TYR A 131 -8.95 18.63 4.66
N TYR A 132 -9.73 19.69 4.79
CA TYR A 132 -9.89 20.30 6.10
C TYR A 132 -10.60 19.35 7.06
N ARG A 133 -11.60 18.60 6.55
CA ARG A 133 -12.28 17.62 7.37
C ARG A 133 -11.30 16.56 7.87
N TYR A 134 -10.39 16.11 7.02
CA TYR A 134 -9.44 15.11 7.46
C TYR A 134 -8.48 15.68 8.52
N LEU A 135 -8.12 16.96 8.38
CA LEU A 135 -7.38 17.63 9.42
C LEU A 135 -8.19 17.71 10.72
N ALA A 136 -9.50 17.96 10.59
CA ALA A 136 -10.36 18.10 11.77
C ALA A 136 -10.45 16.80 12.56
N GLU A 137 -10.40 15.66 11.86
CA GLU A 137 -10.48 14.35 12.49
C GLU A 137 -9.38 14.14 13.54
N VAL A 138 -8.22 14.77 13.33
CA VAL A 138 -7.09 14.56 14.23
C VAL A 138 -6.79 15.77 15.10
N ALA A 139 -7.51 16.87 14.89
CA ALA A 139 -7.24 18.12 15.59
C ALA A 139 -7.84 18.11 17.00
N THR A 140 -7.21 18.89 17.90
CA THR A 140 -7.79 19.19 19.20
C THR A 140 -7.82 20.70 19.47
N GLY A 141 -8.64 21.10 20.45
CA GLY A 141 -8.62 22.44 21.01
C GLY A 141 -9.04 23.54 20.03
N ASP A 142 -8.35 24.67 20.11
CA ASP A 142 -8.72 25.87 19.36
C ASP A 142 -8.39 25.73 17.87
N ASP A 143 -7.27 25.04 17.58
CA ASP A 143 -6.94 24.66 16.20
C ASP A 143 -8.12 23.96 15.55
N LYS A 144 -8.75 23.04 16.29
CA LYS A 144 -9.84 22.24 15.76
C LYS A 144 -11.00 23.14 15.32
N LYS A 145 -11.29 24.17 16.12
CA LYS A 145 -12.40 25.06 15.83
C LYS A 145 -12.18 25.78 14.49
N ARG A 146 -10.97 26.32 14.31
CA ARG A 146 -10.61 27.02 13.08
C ARG A 146 -10.67 26.10 11.86
N ILE A 147 -10.15 24.88 12.03
CA ILE A 147 -10.15 23.91 10.95
C ILE A 147 -11.57 23.52 10.55
N ILE A 148 -12.43 23.28 11.55
CA ILE A 148 -13.82 22.92 11.29
C ILE A 148 -14.51 24.05 10.52
N ASP A 149 -14.25 25.30 10.93
CA ASP A 149 -14.82 26.45 10.26
C ASP A 149 -14.36 26.53 8.81
N SER A 150 -13.09 26.21 8.56
CA SER A 150 -12.55 26.24 7.22
C SER A 150 -13.23 25.20 6.33
N ALA A 151 -13.43 24.00 6.88
CA ALA A 151 -14.12 22.93 6.17
C ALA A 151 -15.54 23.37 5.83
N ARG A 152 -16.25 23.88 6.85
CA ARG A 152 -17.63 24.32 6.69
C ARG A 152 -17.73 25.37 5.59
N SER A 153 -16.81 26.35 5.63
CA SER A 153 -16.85 27.45 4.68
C SER A 153 -16.64 26.99 3.24
N ALA A 154 -15.69 26.07 3.05
CA ALA A 154 -15.42 25.52 1.73
C ALA A 154 -16.63 24.74 1.21
N TYR A 155 -17.16 23.85 2.05
CA TYR A 155 -18.33 23.09 1.68
C TYR A 155 -19.53 23.98 1.36
N GLN A 156 -19.75 25.02 2.17
CA GLN A 156 -20.90 25.88 1.98
C GLN A 156 -20.78 26.64 0.66
N GLU A 157 -19.60 27.14 0.34
CA GLU A 157 -19.41 27.86 -0.91
C GLU A 157 -19.69 26.93 -2.08
N ALA A 158 -19.19 25.70 -1.99
CA ALA A 158 -19.41 24.69 -3.01
C ALA A 158 -20.90 24.41 -3.16
N MET A 159 -21.60 24.27 -2.03
CA MET A 159 -23.03 24.01 -2.05
C MET A 159 -23.77 25.16 -2.74
N ASP A 160 -23.41 26.39 -2.40
CA ASP A 160 -24.08 27.56 -2.96
C ASP A 160 -23.93 27.63 -4.47
N ILE A 161 -22.72 27.38 -4.99
CA ILE A 161 -22.48 27.34 -6.41
C ILE A 161 -23.25 26.20 -7.06
N SER A 162 -23.18 25.00 -6.47
CA SER A 162 -23.77 23.83 -7.09
C SER A 162 -25.29 23.98 -7.22
N LYS A 163 -25.93 24.63 -6.23
CA LYS A 163 -27.37 24.81 -6.26
C LYS A 163 -27.78 25.80 -7.36
N LYS A 164 -26.92 26.77 -7.64
CA LYS A 164 -27.20 27.77 -8.66
C LYS A 164 -26.89 27.29 -10.07
N GLU A 165 -25.88 26.41 -10.20
CA GLU A 165 -25.27 26.15 -11.49
C GLU A 165 -25.35 24.73 -12.02
N MET A 166 -25.71 23.78 -11.15
CA MET A 166 -25.59 22.37 -11.51
C MET A 166 -26.91 21.66 -11.22
N PRO A 167 -27.29 20.67 -12.05
CA PRO A 167 -28.49 19.87 -11.79
C PRO A 167 -28.38 19.07 -10.49
N PRO A 168 -29.51 18.82 -9.80
CA PRO A 168 -29.51 18.09 -8.53
C PRO A 168 -28.88 16.70 -8.56
N THR A 169 -28.88 16.08 -9.75
CA THR A 169 -28.37 14.71 -9.86
C THR A 169 -26.95 14.68 -10.42
N ASN A 170 -26.31 15.84 -10.59
CA ASN A 170 -24.93 15.89 -11.01
C ASN A 170 -24.04 15.18 -10.00
N PRO A 171 -23.15 14.26 -10.43
CA PRO A 171 -22.33 13.50 -9.49
C PRO A 171 -21.45 14.31 -8.55
N ILE A 172 -20.94 15.46 -9.04
CA ILE A 172 -20.13 16.33 -8.19
C ILE A 172 -21.00 16.95 -7.12
N ARG A 173 -22.17 17.43 -7.52
CA ARG A 173 -23.12 18.02 -6.57
C ARG A 173 -23.51 16.98 -5.52
N LEU A 174 -23.79 15.75 -5.97
CA LEU A 174 -24.16 14.68 -5.06
C LEU A 174 -23.02 14.30 -4.11
N GLY A 175 -21.81 14.13 -4.66
CA GLY A 175 -20.67 13.76 -3.84
C GLY A 175 -20.36 14.81 -2.79
N LEU A 176 -20.48 16.08 -3.19
CA LEU A 176 -20.34 17.19 -2.26
C LEU A 176 -21.37 17.14 -1.13
N ALA A 177 -22.64 16.93 -1.48
CA ALA A 177 -23.69 16.91 -0.47
C ALA A 177 -23.51 15.71 0.47
N LEU A 178 -23.13 14.56 -0.09
CA LEU A 178 -22.83 13.39 0.74
C LEU A 178 -21.73 13.73 1.73
N ASN A 179 -20.63 14.30 1.25
CA ASN A 179 -19.50 14.60 2.14
C ASN A 179 -19.83 15.69 3.16
N PHE A 180 -20.62 16.70 2.76
CA PHE A 180 -21.02 17.73 3.70
C PHE A 180 -21.91 17.13 4.78
N SER A 181 -22.77 16.18 4.40
CA SER A 181 -23.60 15.51 5.39
C SER A 181 -22.77 14.71 6.39
N VAL A 182 -21.72 14.06 5.90
CA VAL A 182 -20.79 13.36 6.77
C VAL A 182 -20.10 14.34 7.72
N PHE A 183 -19.65 15.46 7.19
CA PHE A 183 -19.10 16.54 8.01
C PHE A 183 -20.05 16.91 9.14
N HIS A 184 -21.33 17.14 8.81
CA HIS A 184 -22.30 17.53 9.81
C HIS A 184 -22.41 16.48 10.92
N TYR A 185 -22.49 15.21 10.51
CA TYR A 185 -22.72 14.12 11.44
C TYR A 185 -21.50 13.82 12.31
N GLU A 186 -20.34 13.68 11.66
CA GLU A 186 -19.15 13.15 12.31
C GLU A 186 -18.25 14.22 12.92
N ILE A 187 -18.27 15.43 12.37
CA ILE A 187 -17.36 16.49 12.78
C ILE A 187 -18.05 17.60 13.57
N ALA A 188 -19.19 18.07 13.05
CA ALA A 188 -19.85 19.24 13.58
C ALA A 188 -20.92 18.91 14.61
N ASN A 189 -21.08 17.63 14.95
CA ASN A 189 -22.05 17.20 15.95
C ASN A 189 -23.43 17.78 15.65
N SER A 190 -23.82 17.67 14.37
CA SER A 190 -25.07 18.21 13.87
C SER A 190 -25.85 17.12 13.16
N PRO A 191 -26.36 16.10 13.89
CA PRO A 191 -27.06 15.00 13.22
C PRO A 191 -28.34 15.43 12.50
N GLU A 192 -29.05 16.41 13.09
CA GLU A 192 -30.28 16.88 12.48
C GLU A 192 -29.99 17.47 11.10
N GLU A 193 -28.95 18.29 11.02
CA GLU A 193 -28.56 18.87 9.74
C GLU A 193 -28.04 17.83 8.77
N ALA A 194 -27.26 16.85 9.26
CA ALA A 194 -26.76 15.78 8.41
C ALA A 194 -27.92 15.02 7.76
N ILE A 195 -28.92 14.63 8.59
CA ILE A 195 -30.04 13.85 8.10
C ILE A 195 -30.90 14.67 7.15
N SER A 196 -31.18 15.91 7.54
CA SER A 196 -31.99 16.79 6.71
C SER A 196 -31.32 17.04 5.34
N LEU A 197 -30.02 17.31 5.35
CA LEU A 197 -29.28 17.50 4.10
C LEU A 197 -29.33 16.24 3.25
N ALA A 198 -29.04 15.09 3.86
CA ALA A 198 -29.00 13.85 3.08
C ALA A 198 -30.36 13.50 2.48
N LYS A 199 -31.43 13.66 3.27
CA LYS A 199 -32.77 13.37 2.80
C LYS A 199 -33.20 14.34 1.70
N THR A 200 -32.97 15.64 1.90
CA THR A 200 -33.31 16.62 0.87
C THR A 200 -32.55 16.36 -0.42
N THR A 201 -31.25 16.08 -0.28
CA THR A 201 -30.40 15.77 -1.44
C THR A 201 -30.93 14.55 -2.19
N PHE A 202 -31.19 13.47 -1.46
CA PHE A 202 -31.70 12.25 -2.06
C PHE A 202 -32.99 12.52 -2.83
N ASP A 203 -33.94 13.18 -2.19
CA ASP A 203 -35.25 13.40 -2.80
C ASP A 203 -35.16 14.28 -4.03
N GLU A 204 -34.39 15.37 -3.94
CA GLU A 204 -34.26 16.28 -5.06
C GLU A 204 -33.49 15.65 -6.23
N ALA A 205 -32.52 14.78 -5.93
CA ALA A 205 -31.79 14.06 -6.95
C ALA A 205 -32.69 13.06 -7.66
N MET A 206 -33.48 12.31 -6.87
CA MET A 206 -34.37 11.32 -7.46
C MET A 206 -35.41 12.00 -8.36
N ALA A 207 -35.89 13.18 -7.92
CA ALA A 207 -36.89 13.92 -8.67
C ALA A 207 -36.39 14.35 -10.04
N ASP A 208 -35.08 14.55 -10.19
CA ASP A 208 -34.52 14.98 -11.46
C ASP A 208 -33.70 13.90 -12.17
N LEU A 209 -33.73 12.65 -11.65
CA LEU A 209 -32.89 11.60 -12.20
C LEU A 209 -33.18 11.33 -13.68
N HIS A 210 -34.44 11.51 -14.08
CA HIS A 210 -34.85 11.27 -15.45
C HIS A 210 -34.18 12.20 -16.46
N THR A 211 -33.58 13.30 -15.98
CA THR A 211 -32.88 14.22 -16.84
C THR A 211 -31.36 13.98 -16.91
N LEU A 212 -30.85 13.10 -16.05
CA LEU A 212 -29.41 12.87 -15.94
C LEU A 212 -28.88 12.13 -17.16
N SER A 213 -27.74 12.59 -17.67
CA SER A 213 -27.05 11.94 -18.78
C SER A 213 -26.62 10.53 -18.39
N GLU A 214 -26.62 9.62 -19.36
CA GLU A 214 -26.27 8.24 -19.07
C GLU A 214 -24.82 8.10 -18.61
N ASP A 215 -23.95 9.02 -19.05
CA ASP A 215 -22.55 9.02 -18.65
C ASP A 215 -22.35 9.12 -17.14
N SER A 216 -23.28 9.78 -16.45
CA SER A 216 -23.20 9.98 -15.00
C SER A 216 -24.08 9.05 -14.17
N TYR A 217 -24.90 8.21 -14.84
CA TYR A 217 -25.93 7.45 -14.14
C TYR A 217 -25.35 6.51 -13.09
N LYS A 218 -24.29 5.78 -13.44
CA LYS A 218 -23.69 4.86 -12.48
C LYS A 218 -23.17 5.58 -11.24
N ASP A 219 -22.45 6.68 -11.45
CA ASP A 219 -21.85 7.40 -10.33
C ASP A 219 -22.91 8.06 -9.45
N SER A 220 -23.89 8.72 -10.06
CA SER A 220 -24.95 9.36 -9.30
C SER A 220 -25.79 8.38 -8.51
N THR A 221 -26.11 7.21 -9.08
CA THR A 221 -26.92 6.22 -8.40
C THR A 221 -26.12 5.63 -7.23
N LEU A 222 -24.80 5.49 -7.39
CA LEU A 222 -23.98 5.04 -6.28
C LEU A 222 -24.05 6.03 -5.11
N ILE A 223 -23.86 7.32 -5.39
CA ILE A 223 -23.89 8.30 -4.33
C ILE A 223 -25.26 8.34 -3.65
N MET A 224 -26.33 8.20 -4.44
CA MET A 224 -27.67 8.21 -3.87
C MET A 224 -27.87 6.99 -2.96
N GLN A 225 -27.27 5.86 -3.32
CA GLN A 225 -27.31 4.68 -2.46
C GLN A 225 -26.61 4.92 -1.13
N LEU A 226 -25.47 5.63 -1.19
CA LEU A 226 -24.71 5.94 0.02
C LEU A 226 -25.46 6.92 0.91
N LEU A 227 -26.17 7.88 0.31
CA LEU A 227 -27.05 8.75 1.08
C LEU A 227 -28.10 7.92 1.82
N ARG A 228 -28.71 6.96 1.11
CA ARG A 228 -29.73 6.11 1.68
C ARG A 228 -29.13 5.29 2.83
N ASP A 229 -27.94 4.73 2.61
CA ASP A 229 -27.30 3.90 3.62
C ASP A 229 -26.94 4.70 4.87
N ASN A 230 -26.43 5.92 4.67
CA ASN A 230 -26.13 6.79 5.80
C ASN A 230 -27.42 7.14 6.54
N LEU A 231 -28.49 7.42 5.79
CA LEU A 231 -29.76 7.76 6.42
C LEU A 231 -30.29 6.61 7.28
N THR A 232 -30.12 5.36 6.80
CA THR A 232 -30.51 4.20 7.56
C THR A 232 -29.69 4.08 8.85
N LEU A 233 -28.39 4.31 8.72
CA LEU A 233 -27.47 4.27 9.86
C LEU A 233 -27.80 5.34 10.90
N TRP A 234 -28.15 6.54 10.43
CA TRP A 234 -28.35 7.68 11.29
C TRP A 234 -29.72 7.76 11.96
N THR A 235 -30.68 6.96 11.48
CA THR A 235 -32.06 7.06 11.98
C THR A 235 -32.51 5.76 12.60
N GLN B 1 -20.07 2.05 13.79
CA GLN B 1 -19.95 2.12 12.34
C GLN B 1 -19.82 3.57 11.89
N ARG B 2 -18.85 3.83 11.00
CA ARG B 2 -18.62 5.17 10.50
C ARG B 2 -19.55 5.46 9.32
N SER B 3 -19.93 6.73 9.20
CA SER B 3 -20.62 7.23 8.02
C SER B 3 -19.75 7.01 6.79
N THR B 4 -20.40 6.79 5.63
CA THR B 4 -19.72 6.56 4.38
C THR B 4 -19.65 7.88 3.60
N SEP B 5 -18.45 8.23 3.16
CA SEP B 5 -18.25 9.39 2.29
CB SEP B 5 -17.11 10.25 2.80
OG SEP B 5 -15.88 9.48 2.74
C SEP B 5 -18.04 8.93 0.85
O SEP B 5 -18.05 7.74 0.54
P SEP B 5 -14.55 10.13 3.36
O1P SEP B 5 -14.80 10.35 4.84
O2P SEP B 5 -14.29 11.44 2.65
O3P SEP B 5 -13.50 9.10 3.02
N THR B 6 -17.92 9.93 -0.04
CA THR B 6 -17.77 9.64 -1.45
C THR B 6 -16.60 8.68 -1.64
N PRO B 7 -16.82 7.54 -2.34
CA PRO B 7 -15.78 6.53 -2.50
C PRO B 7 -14.72 7.00 -3.48
N ASN B 8 -13.56 6.37 -3.30
CA ASN B 8 -12.36 6.75 -4.02
C ASN B 8 -12.28 5.89 -5.28
N VAL B 9 -13.22 6.15 -6.19
CA VAL B 9 -13.40 5.35 -7.38
C VAL B 9 -13.74 6.30 -8.51
N HIS B 10 -13.46 5.89 -9.75
CA HIS B 10 -13.99 6.59 -10.91
C HIS B 10 -15.53 6.48 -10.86
N ALA C 1 18.24 8.54 14.42
CA ALA C 1 17.38 8.52 15.59
C ALA C 1 17.39 7.16 16.31
N MET C 2 17.43 6.06 15.55
CA MET C 2 17.12 4.75 16.11
C MET C 2 18.23 4.09 16.92
N GLY C 3 19.47 4.52 16.70
CA GLY C 3 20.60 3.96 17.44
C GLY C 3 20.46 4.02 18.96
N SER C 4 19.91 5.15 19.44
CA SER C 4 19.74 5.42 20.85
C SER C 4 18.39 5.00 21.42
N MET C 5 17.52 4.42 20.58
CA MET C 5 16.20 4.01 21.02
C MET C 5 16.29 2.69 21.77
N GLU C 6 15.46 2.55 22.80
CA GLU C 6 15.32 1.26 23.48
C GLU C 6 14.89 0.18 22.49
N ARG C 7 15.59 -0.96 22.53
CA ARG C 7 15.26 -2.08 21.66
C ARG C 7 13.79 -2.47 21.86
N ALA C 8 13.35 -2.52 23.13
CA ALA C 8 11.99 -2.93 23.43
C ALA C 8 10.98 -1.98 22.80
N SER C 9 11.30 -0.68 22.75
CA SER C 9 10.44 0.31 22.12
C SER C 9 10.35 0.11 20.62
N LEU C 10 11.49 -0.22 19.98
CA LEU C 10 11.51 -0.47 18.56
C LEU C 10 10.65 -1.69 18.21
N ILE C 11 10.72 -2.75 19.03
CA ILE C 11 9.88 -3.92 18.81
C ILE C 11 8.40 -3.58 18.99
N GLN C 12 8.08 -2.82 20.03
CA GLN C 12 6.69 -2.44 20.28
C GLN C 12 6.17 -1.63 19.10
N LYS C 13 6.98 -0.70 18.59
CA LYS C 13 6.54 0.11 17.49
C LYS C 13 6.40 -0.70 16.20
N ALA C 14 7.26 -1.68 16.00
CA ALA C 14 7.11 -2.58 14.86
C ALA C 14 5.75 -3.28 14.93
N LYS C 15 5.36 -3.75 16.12
CA LYS C 15 4.07 -4.38 16.31
C LYS C 15 2.90 -3.42 16.05
N LEU C 16 3.03 -2.17 16.50
CA LEU C 16 2.01 -1.17 16.25
C LEU C 16 1.89 -0.90 14.74
N ALA C 17 3.03 -0.75 14.08
CA ALA C 17 3.05 -0.49 12.64
C ALA C 17 2.39 -1.64 11.90
N GLU C 18 2.61 -2.88 12.36
CA GLU C 18 1.96 -4.03 11.74
C GLU C 18 0.44 -3.91 11.85
N GLN C 19 -0.05 -3.59 13.05
CA GLN C 19 -1.49 -3.45 13.27
C GLN C 19 -2.07 -2.34 12.41
N ALA C 20 -1.27 -1.30 12.16
CA ALA C 20 -1.69 -0.16 11.34
C ALA C 20 -1.44 -0.35 9.84
N GLU C 21 -0.91 -1.51 9.45
CA GLU C 21 -0.58 -1.83 8.07
C GLU C 21 0.39 -0.81 7.47
N ARG C 22 1.33 -0.37 8.30
CA ARG C 22 2.36 0.58 7.94
C ARG C 22 3.69 -0.17 7.80
N TYR C 23 3.84 -0.89 6.68
CA TYR C 23 4.91 -1.88 6.59
C TYR C 23 6.29 -1.26 6.39
N GLU C 24 6.38 -0.12 5.69
CA GLU C 24 7.65 0.57 5.59
C GLU C 24 8.14 0.98 6.98
N ASP C 25 7.25 1.55 7.80
CA ASP C 25 7.62 1.92 9.16
C ASP C 25 8.03 0.69 9.96
N MET C 26 7.24 -0.39 9.83
CA MET C 26 7.49 -1.63 10.52
C MET C 26 8.90 -2.15 10.22
N ALA C 27 9.24 -2.13 8.93
CA ALA C 27 10.56 -2.57 8.49
C ALA C 27 11.67 -1.72 9.08
N ALA C 28 11.48 -0.41 9.08
CA ALA C 28 12.47 0.49 9.65
C ALA C 28 12.68 0.28 11.15
N PHE C 29 11.58 0.02 11.88
CA PHE C 29 11.70 -0.28 13.31
C PHE C 29 12.48 -1.58 13.51
N MET C 30 12.20 -2.59 12.68
CA MET C 30 12.89 -3.86 12.83
C MET C 30 14.37 -3.76 12.43
N LYS C 31 14.68 -2.92 11.43
CA LYS C 31 16.07 -2.64 11.09
C LYS C 31 16.78 -2.06 12.29
N GLY C 32 16.15 -1.06 12.94
CA GLY C 32 16.70 -0.48 14.14
C GLY C 32 16.93 -1.51 15.24
N ALA C 33 15.97 -2.43 15.40
CA ALA C 33 16.09 -3.45 16.43
C ALA C 33 17.24 -4.40 16.13
N VAL C 34 17.36 -4.80 14.86
CA VAL C 34 18.47 -5.64 14.44
C VAL C 34 19.80 -4.97 14.76
N GLU C 35 19.89 -3.67 14.48
CA GLU C 35 21.11 -2.92 14.68
C GLU C 35 21.55 -2.76 16.13
N LYS C 36 20.69 -3.14 17.08
CA LYS C 36 21.09 -3.24 18.48
C LYS C 36 22.10 -4.36 18.73
N GLY C 37 22.17 -5.32 17.80
CA GLY C 37 23.23 -6.33 17.81
C GLY C 37 22.93 -7.57 18.64
N GLU C 38 21.69 -7.67 19.18
CA GLU C 38 21.24 -8.85 19.86
C GLU C 38 20.57 -9.83 18.89
N GLU C 39 20.57 -11.11 19.23
CA GLU C 39 19.83 -12.11 18.47
C GLU C 39 18.33 -11.78 18.49
N LEU C 40 17.63 -12.27 17.46
CA LEU C 40 16.19 -12.10 17.37
C LEU C 40 15.50 -13.34 17.92
N SER C 41 14.32 -13.12 18.50
CA SER C 41 13.40 -14.19 18.84
C SER C 41 12.63 -14.63 17.59
N CYS C 42 11.84 -15.70 17.75
CA CYS C 42 10.96 -16.17 16.71
C CYS C 42 9.98 -15.09 16.29
N GLU C 43 9.34 -14.46 17.29
CA GLU C 43 8.40 -13.41 17.01
C GLU C 43 9.08 -12.31 16.20
N GLU C 44 10.30 -11.96 16.58
CA GLU C 44 11.01 -10.87 15.93
C GLU C 44 11.41 -11.22 14.50
N ARG C 45 11.81 -12.47 14.27
CA ARG C 45 12.06 -12.91 12.89
C ARG C 45 10.80 -12.79 12.04
N ASN C 46 9.65 -13.13 12.62
CA ASN C 46 8.38 -12.98 11.93
C ASN C 46 8.13 -11.51 11.60
N LEU C 47 8.34 -10.61 12.57
CA LEU C 47 8.14 -9.19 12.33
C LEU C 47 9.06 -8.70 11.21
N LEU C 48 10.33 -9.11 11.26
CA LEU C 48 11.31 -8.67 10.28
C LEU C 48 10.90 -9.13 8.89
N SER C 49 10.55 -10.41 8.80
CA SER C 49 10.18 -11.04 7.54
C SER C 49 8.91 -10.42 6.95
N VAL C 50 7.86 -10.32 7.77
CA VAL C 50 6.58 -9.79 7.32
C VAL C 50 6.75 -8.36 6.82
N ALA C 51 7.51 -7.55 7.56
CA ALA C 51 7.67 -6.15 7.21
C ALA C 51 8.33 -6.02 5.84
N TYR C 52 9.50 -6.62 5.69
CA TYR C 52 10.26 -6.41 4.45
C TYR C 52 9.59 -7.12 3.28
N LYS C 53 8.93 -8.24 3.51
CA LYS C 53 8.28 -8.94 2.42
C LYS C 53 7.07 -8.14 1.93
N ASN C 54 6.37 -7.44 2.84
CA ASN C 54 5.29 -6.56 2.41
C ASN C 54 5.83 -5.43 1.53
N VAL C 55 6.94 -4.82 1.94
CA VAL C 55 7.51 -3.72 1.19
C VAL C 55 7.97 -4.19 -0.17
N VAL C 56 8.81 -5.22 -0.20
CA VAL C 56 9.36 -5.69 -1.47
C VAL C 56 8.28 -6.36 -2.31
N GLY C 57 7.30 -7.00 -1.67
CA GLY C 57 6.19 -7.61 -2.38
C GLY C 57 5.40 -6.58 -3.19
N GLY C 58 5.15 -5.42 -2.57
CA GLY C 58 4.49 -4.33 -3.25
C GLY C 58 5.31 -3.83 -4.44
N GLN C 59 6.62 -3.69 -4.23
CA GLN C 59 7.51 -3.20 -5.27
C GLN C 59 7.60 -4.20 -6.43
N ARG C 60 7.71 -5.50 -6.10
CA ARG C 60 7.73 -6.55 -7.10
C ARG C 60 6.46 -6.53 -7.94
N ALA C 61 5.30 -6.39 -7.30
CA ALA C 61 4.03 -6.39 -8.00
C ALA C 61 3.98 -5.21 -8.96
N ALA C 62 4.43 -4.04 -8.47
CA ALA C 62 4.45 -2.83 -9.29
C ALA C 62 5.40 -3.00 -10.46
N TRP C 63 6.60 -3.53 -10.18
CA TRP C 63 7.59 -3.73 -11.22
C TRP C 63 7.06 -4.64 -12.32
N ARG C 64 6.38 -5.71 -11.92
CA ARG C 64 5.81 -6.63 -12.89
C ARG C 64 4.77 -5.97 -13.78
N VAL C 65 3.89 -5.14 -13.19
CA VAL C 65 2.92 -4.41 -13.97
C VAL C 65 3.64 -3.53 -15.01
N LEU C 66 4.64 -2.77 -14.54
CA LEU C 66 5.30 -1.82 -15.40
C LEU C 66 6.14 -2.51 -16.48
N SER C 67 6.81 -3.60 -16.12
CA SER C 67 7.62 -4.34 -17.08
C SER C 67 6.74 -4.89 -18.19
N SER C 68 5.53 -5.35 -17.82
CA SER C 68 4.58 -5.86 -18.81
C SER C 68 4.14 -4.76 -19.77
N ILE C 69 3.76 -3.60 -19.23
CA ILE C 69 3.37 -2.46 -20.05
C ILE C 69 4.51 -2.06 -20.97
N GLU C 70 5.72 -2.01 -20.41
CA GLU C 70 6.91 -1.63 -21.15
C GLU C 70 7.12 -2.53 -22.35
N GLN C 71 7.04 -3.85 -22.12
CA GLN C 71 7.30 -4.83 -23.15
C GLN C 71 6.22 -4.81 -24.22
N LYS C 72 4.96 -4.64 -23.79
CA LYS C 72 3.82 -4.56 -24.71
C LYS C 72 3.99 -3.35 -25.61
N SER C 73 4.32 -2.21 -25.00
CA SER C 73 4.60 -0.98 -25.71
C SER C 73 5.70 -1.12 -26.76
N ASN C 74 6.83 -1.70 -26.35
CA ASN C 74 7.97 -1.91 -27.24
C ASN C 74 7.64 -2.84 -28.40
N GLU C 75 6.85 -3.89 -28.12
CA GLU C 75 6.42 -4.85 -29.12
C GLU C 75 5.53 -4.21 -30.18
N GLU C 76 4.61 -3.35 -29.73
CA GLU C 76 3.78 -2.59 -30.63
C GLU C 76 4.68 -1.76 -31.55
N GLY C 77 5.74 -1.20 -30.96
CA GLY C 77 6.81 -0.58 -31.72
C GLY C 77 6.40 0.72 -32.39
N SER C 78 5.47 1.44 -31.76
CA SER C 78 5.06 2.77 -32.21
C SER C 78 6.23 3.75 -32.12
N GLU C 79 6.30 4.66 -33.11
CA GLU C 79 7.40 5.61 -33.17
C GLU C 79 7.40 6.56 -31.97
N GLU C 80 6.27 6.64 -31.24
CA GLU C 80 6.07 7.67 -30.24
C GLU C 80 5.89 7.25 -28.77
N LYS C 81 5.87 5.95 -28.47
CA LYS C 81 5.63 5.47 -27.11
C LYS C 81 6.77 4.65 -26.52
N GLY C 82 6.87 4.65 -25.17
CA GLY C 82 7.79 3.77 -24.44
C GLY C 82 8.73 4.41 -23.41
N PRO C 83 9.22 5.65 -23.63
CA PRO C 83 10.22 6.27 -22.75
C PRO C 83 9.75 6.48 -21.31
N GLU C 84 8.51 6.92 -21.13
CA GLU C 84 8.00 7.18 -19.79
C GLU C 84 7.86 5.91 -18.95
N VAL C 85 7.32 4.85 -19.55
CA VAL C 85 7.15 3.61 -18.83
C VAL C 85 8.52 3.03 -18.48
N ARG C 86 9.48 3.10 -19.40
CA ARG C 86 10.83 2.63 -19.10
C ARG C 86 11.40 3.38 -17.91
N GLU C 87 11.29 4.71 -17.93
CA GLU C 87 11.83 5.52 -16.84
C GLU C 87 11.19 5.18 -15.51
N TYR C 88 9.87 4.99 -15.52
CA TYR C 88 9.15 4.77 -14.28
C TYR C 88 9.40 3.34 -13.79
N ARG C 89 9.48 2.38 -14.72
CA ARG C 89 9.89 1.03 -14.34
C ARG C 89 11.28 1.07 -13.69
N GLU C 90 12.20 1.85 -14.25
CA GLU C 90 13.55 1.99 -13.69
C GLU C 90 13.50 2.60 -12.30
N LYS C 91 12.61 3.57 -12.07
CA LYS C 91 12.48 4.20 -10.77
C LYS C 91 12.05 3.17 -9.73
N VAL C 92 11.02 2.39 -10.03
CA VAL C 92 10.53 1.38 -9.10
C VAL C 92 11.61 0.33 -8.88
N GLU C 93 12.27 -0.08 -9.96
CA GLU C 93 13.34 -1.06 -9.88
C GLU C 93 14.43 -0.63 -8.91
N THR C 94 14.86 0.64 -9.01
CA THR C 94 15.90 1.19 -8.17
C THR C 94 15.47 1.13 -6.69
N GLU C 95 14.21 1.47 -6.43
CA GLU C 95 13.69 1.43 -5.07
C GLU C 95 13.69 0.00 -4.53
N LEU C 96 13.26 -0.94 -5.37
CA LEU C 96 13.24 -2.36 -5.01
C LEU C 96 14.64 -2.85 -4.69
N GLN C 97 15.62 -2.49 -5.54
CA GLN C 97 16.99 -2.92 -5.33
C GLN C 97 17.51 -2.37 -4.01
N GLY C 98 17.12 -1.14 -3.69
CA GLY C 98 17.53 -0.51 -2.44
C GLY C 98 17.07 -1.27 -1.20
N VAL C 99 15.80 -1.71 -1.22
CA VAL C 99 15.24 -2.45 -0.11
C VAL C 99 15.93 -3.81 0.01
N CYS C 100 16.11 -4.50 -1.12
CA CYS C 100 16.81 -5.78 -1.10
C CYS C 100 18.23 -5.62 -0.54
N ASP C 101 18.93 -4.57 -0.97
CA ASP C 101 20.27 -4.32 -0.48
C ASP C 101 20.27 -4.08 1.03
N THR C 102 19.25 -3.37 1.52
CA THR C 102 19.12 -3.12 2.96
C THR C 102 19.00 -4.44 3.71
N VAL C 103 18.13 -5.32 3.21
CA VAL C 103 17.89 -6.59 3.87
C VAL C 103 19.16 -7.44 3.85
N LEU C 104 19.80 -7.52 2.68
CA LEU C 104 21.02 -8.31 2.55
C LEU C 104 22.12 -7.75 3.45
N GLY C 105 22.15 -6.43 3.60
CA GLY C 105 23.08 -5.78 4.50
C GLY C 105 22.88 -6.20 5.96
N LEU C 106 21.62 -6.21 6.41
CA LEU C 106 21.29 -6.63 7.76
C LEU C 106 21.69 -8.08 7.98
N LEU C 107 21.45 -8.92 6.97
CA LEU C 107 21.76 -10.33 7.10
C LEU C 107 23.28 -10.52 7.22
N ASP C 108 24.03 -9.80 6.38
CA ASP C 108 25.47 -9.96 6.35
C ASP C 108 26.16 -9.29 7.52
N SER C 109 25.64 -8.15 7.98
CA SER C 109 26.33 -7.39 9.02
C SER C 109 25.99 -7.86 10.43
N HIS C 110 24.79 -8.41 10.60
CA HIS C 110 24.26 -8.72 11.92
C HIS C 110 23.75 -10.15 12.08
N LEU C 111 22.85 -10.60 11.21
CA LEU C 111 22.01 -11.73 11.54
C LEU C 111 22.60 -13.12 11.31
N ILE C 112 23.29 -13.33 10.19
CA ILE C 112 23.77 -14.67 9.87
C ILE C 112 24.88 -15.09 10.82
N LYS C 113 25.89 -14.22 10.96
CA LYS C 113 27.04 -14.55 11.79
C LYS C 113 26.67 -14.71 13.27
N GLU C 114 25.71 -13.91 13.76
CA GLU C 114 25.36 -13.87 15.17
C GLU C 114 24.32 -14.90 15.61
N ALA C 115 23.72 -15.63 14.65
CA ALA C 115 22.72 -16.65 14.99
C ALA C 115 23.34 -17.79 15.80
N GLY C 116 22.69 -18.12 16.91
CA GLY C 116 23.25 -19.06 17.87
C GLY C 116 22.78 -20.50 17.69
N ASP C 117 21.87 -20.74 16.74
CA ASP C 117 21.31 -22.07 16.53
C ASP C 117 21.09 -22.33 15.05
N ALA C 118 20.99 -23.61 14.69
CA ALA C 118 20.87 -24.02 13.29
C ALA C 118 19.58 -23.51 12.65
N GLU C 119 18.47 -23.60 13.40
CA GLU C 119 17.19 -23.17 12.88
C GLU C 119 17.21 -21.71 12.43
N SER C 120 17.73 -20.81 13.28
CA SER C 120 17.73 -19.41 12.92
C SER C 120 18.75 -19.14 11.82
N ARG C 121 19.89 -19.83 11.84
CA ARG C 121 20.89 -19.70 10.80
C ARG C 121 20.30 -20.06 9.43
N VAL C 122 19.56 -21.16 9.38
CA VAL C 122 18.91 -21.58 8.15
C VAL C 122 17.87 -20.57 7.68
N PHE C 123 17.06 -20.06 8.62
CA PHE C 123 16.11 -19.01 8.29
C PHE C 123 16.80 -17.80 7.62
N TYR C 124 17.91 -17.33 8.20
CA TYR C 124 18.58 -16.17 7.64
C TYR C 124 19.24 -16.44 6.29
N LEU C 125 19.81 -17.62 6.11
CA LEU C 125 20.38 -17.99 4.82
C LEU C 125 19.30 -18.14 3.76
N LYS C 126 18.15 -18.69 4.13
CA LYS C 126 16.99 -18.71 3.25
C LYS C 126 16.61 -17.29 2.85
N MET C 127 16.57 -16.39 3.83
CA MET C 127 16.19 -15.01 3.55
C MET C 127 17.20 -14.37 2.59
N LYS C 128 18.49 -14.64 2.78
CA LYS C 128 19.51 -14.15 1.87
C LYS C 128 19.27 -14.66 0.45
N GLY C 129 18.93 -15.95 0.33
CA GLY C 129 18.60 -16.54 -0.96
C GLY C 129 17.41 -15.83 -1.60
N ASP C 130 16.36 -15.61 -0.80
CA ASP C 130 15.16 -14.95 -1.27
C ASP C 130 15.43 -13.55 -1.79
N TYR C 131 16.20 -12.74 -1.06
CA TYR C 131 16.38 -11.36 -1.47
C TYR C 131 17.35 -11.26 -2.64
N TYR C 132 18.33 -12.17 -2.75
CA TYR C 132 19.08 -12.23 -4.00
C TYR C 132 18.18 -12.67 -5.15
N ARG C 133 17.25 -13.59 -4.89
CA ARG C 133 16.30 -13.99 -5.91
C ARG C 133 15.47 -12.80 -6.40
N TYR C 134 15.03 -11.95 -5.47
CA TYR C 134 14.23 -10.81 -5.88
C TYR C 134 15.08 -9.83 -6.69
N LEU C 135 16.36 -9.69 -6.33
CA LEU C 135 17.27 -8.92 -7.15
C LEU C 135 17.44 -9.55 -8.54
N ALA C 136 17.49 -10.88 -8.60
CA ALA C 136 17.70 -11.58 -9.87
C ALA C 136 16.54 -11.36 -10.83
N GLU C 137 15.32 -11.24 -10.28
CA GLU C 137 14.14 -11.02 -11.10
C GLU C 137 14.22 -9.76 -11.96
N VAL C 138 14.94 -8.74 -11.48
CA VAL C 138 15.02 -7.48 -12.20
C VAL C 138 16.40 -7.24 -12.81
N ALA C 139 17.35 -8.15 -12.54
CA ALA C 139 18.70 -8.01 -13.07
C ALA C 139 18.77 -8.40 -14.55
N THR C 140 19.74 -7.81 -15.27
CA THR C 140 20.03 -8.20 -16.63
C THR C 140 21.51 -8.53 -16.81
N GLY C 141 21.83 -9.28 -17.87
CA GLY C 141 23.21 -9.49 -18.29
C GLY C 141 24.10 -10.21 -17.29
N ASP C 142 25.35 -9.73 -17.17
CA ASP C 142 26.34 -10.38 -16.33
C ASP C 142 26.08 -10.17 -14.85
N ASP C 143 25.56 -9.00 -14.47
CA ASP C 143 25.09 -8.78 -13.10
C ASP C 143 24.11 -9.88 -12.69
N LYS C 144 23.21 -10.26 -13.60
CA LYS C 144 22.20 -11.26 -13.32
C LYS C 144 22.86 -12.58 -12.96
N LYS C 145 23.91 -12.95 -13.70
CA LYS C 145 24.60 -14.21 -13.48
C LYS C 145 25.19 -14.29 -12.07
N ARG C 146 25.86 -13.21 -11.66
CA ARG C 146 26.47 -13.12 -10.34
C ARG C 146 25.42 -13.19 -9.22
N ILE C 147 24.32 -12.47 -9.41
CA ILE C 147 23.24 -12.45 -8.44
C ILE C 147 22.60 -13.83 -8.30
N ILE C 148 22.36 -14.49 -9.45
CA ILE C 148 21.80 -15.83 -9.43
C ILE C 148 22.72 -16.78 -8.65
N ASP C 149 24.03 -16.67 -8.89
CA ASP C 149 25.01 -17.50 -8.19
C ASP C 149 24.96 -17.25 -6.68
N SER C 150 24.80 -15.97 -6.30
CA SER C 150 24.72 -15.61 -4.88
C SER C 150 23.50 -16.23 -4.22
N ALA C 151 22.35 -16.18 -4.93
CA ALA C 151 21.12 -16.77 -4.42
C ALA C 151 21.30 -18.28 -4.25
N ARG C 152 21.84 -18.92 -5.30
CA ARG C 152 22.07 -20.36 -5.28
C ARG C 152 22.94 -20.74 -4.09
N SER C 153 24.02 -20.00 -3.86
CA SER C 153 24.98 -20.32 -2.82
C SER C 153 24.35 -20.23 -1.42
N ALA C 154 23.54 -19.18 -1.22
CA ALA C 154 22.85 -19.00 0.06
C ALA C 154 21.86 -20.13 0.29
N TYR C 155 21.03 -20.40 -0.72
CA TYR C 155 20.07 -21.50 -0.62
C TYR C 155 20.74 -22.85 -0.37
N GLN C 156 21.85 -23.13 -1.08
CA GLN C 156 22.54 -24.41 -0.96
C GLN C 156 23.08 -24.58 0.46
N GLU C 157 23.69 -23.51 1.01
CA GLU C 157 24.21 -23.59 2.36
C GLU C 157 23.10 -23.87 3.35
N ALA C 158 21.96 -23.18 3.15
CA ALA C 158 20.81 -23.36 4.01
C ALA C 158 20.30 -24.80 3.93
N MET C 159 20.23 -25.33 2.69
CA MET C 159 19.77 -26.69 2.48
C MET C 159 20.67 -27.69 3.19
N ASP C 160 21.99 -27.48 3.05
CA ASP C 160 22.96 -28.39 3.64
C ASP C 160 22.83 -28.48 5.15
N ILE C 161 22.69 -27.31 5.80
CA ILE C 161 22.50 -27.25 7.24
C ILE C 161 21.16 -27.88 7.62
N SER C 162 20.09 -27.53 6.91
CA SER C 162 18.77 -27.98 7.27
C SER C 162 18.64 -29.51 7.22
N LYS C 163 19.31 -30.13 6.25
CA LYS C 163 19.27 -31.58 6.12
C LYS C 163 20.00 -32.29 7.27
N LYS C 164 21.04 -31.63 7.79
CA LYS C 164 21.82 -32.18 8.90
C LYS C 164 21.19 -31.93 10.26
N GLU C 165 20.45 -30.82 10.39
CA GLU C 165 20.11 -30.28 11.69
C GLU C 165 18.62 -30.19 12.01
N MET C 166 17.76 -30.34 11.01
CA MET C 166 16.35 -30.02 11.20
C MET C 166 15.48 -31.14 10.64
N PRO C 167 14.32 -31.44 11.29
CA PRO C 167 13.40 -32.43 10.76
C PRO C 167 12.84 -32.03 9.41
N PRO C 168 12.51 -33.00 8.52
CA PRO C 168 11.95 -32.69 7.20
C PRO C 168 10.65 -31.89 7.23
N THR C 169 9.91 -31.96 8.35
CA THR C 169 8.64 -31.25 8.46
C THR C 169 8.76 -29.91 9.17
N ASN C 170 9.98 -29.50 9.53
CA ASN C 170 10.18 -28.18 10.12
C ASN C 170 9.76 -27.09 9.14
N PRO C 171 8.90 -26.12 9.55
CA PRO C 171 8.41 -25.08 8.63
C PRO C 171 9.49 -24.26 7.92
N ILE C 172 10.61 -23.98 8.62
CA ILE C 172 11.71 -23.25 8.02
C ILE C 172 12.33 -24.10 6.92
N ARG C 173 12.58 -25.37 7.23
CA ARG C 173 13.16 -26.28 6.24
C ARG C 173 12.24 -26.39 5.03
N LEU C 174 10.94 -26.53 5.28
CA LEU C 174 9.98 -26.65 4.20
C LEU C 174 9.90 -25.37 3.35
N GLY C 175 9.82 -24.22 4.02
CA GLY C 175 9.74 -22.95 3.31
C GLY C 175 10.98 -22.70 2.47
N LEU C 176 12.15 -23.07 3.01
CA LEU C 176 13.39 -22.98 2.26
C LEU C 176 13.37 -23.85 1.00
N ALA C 177 12.92 -25.10 1.14
CA ALA C 177 12.90 -26.01 0.01
C ALA C 177 11.91 -25.54 -1.05
N LEU C 178 10.75 -25.06 -0.60
CA LEU C 178 9.77 -24.48 -1.52
C LEU C 178 10.38 -23.33 -2.31
N ASN C 179 11.01 -22.39 -1.60
CA ASN C 179 11.58 -21.23 -2.27
C ASN C 179 12.75 -21.59 -3.18
N PHE C 180 13.58 -22.55 -2.77
CA PHE C 180 14.70 -22.97 -3.60
C PHE C 180 14.17 -23.65 -4.86
N SER C 181 13.07 -24.39 -4.74
CA SER C 181 12.46 -25.00 -5.91
C SER C 181 11.94 -23.94 -6.89
N VAL C 182 11.35 -22.88 -6.36
CA VAL C 182 10.91 -21.77 -7.18
C VAL C 182 12.10 -21.11 -7.87
N PHE C 183 13.20 -20.91 -7.12
CA PHE C 183 14.43 -20.40 -7.71
C PHE C 183 14.84 -21.24 -8.91
N HIS C 184 14.88 -22.56 -8.74
CA HIS C 184 15.28 -23.45 -9.81
C HIS C 184 14.41 -23.27 -11.04
N TYR C 185 13.09 -23.21 -10.82
CA TYR C 185 12.16 -23.15 -11.93
C TYR C 185 12.14 -21.79 -12.64
N GLU C 186 12.01 -20.73 -11.85
CA GLU C 186 11.71 -19.40 -12.38
C GLU C 186 12.95 -18.59 -12.71
N ILE C 187 14.06 -18.83 -11.99
CA ILE C 187 15.26 -18.02 -12.11
C ILE C 187 16.38 -18.74 -12.85
N ALA C 188 16.65 -19.99 -12.45
CA ALA C 188 17.78 -20.74 -12.95
C ALA C 188 17.44 -21.59 -14.18
N ASN C 189 16.19 -21.52 -14.63
CA ASN C 189 15.71 -22.28 -15.78
C ASN C 189 16.12 -23.75 -15.68
N SER C 190 15.86 -24.32 -14.49
CA SER C 190 16.20 -25.69 -14.17
C SER C 190 14.94 -26.42 -13.69
N PRO C 191 13.97 -26.70 -14.58
CA PRO C 191 12.72 -27.34 -14.17
C PRO C 191 12.92 -28.73 -13.59
N GLU C 192 13.89 -29.49 -14.12
CA GLU C 192 14.16 -30.83 -13.62
C GLU C 192 14.54 -30.78 -12.15
N GLU C 193 15.45 -29.86 -11.80
CA GLU C 193 15.89 -29.70 -10.43
C GLU C 193 14.76 -29.18 -9.54
N ALA C 194 13.96 -28.25 -10.07
CA ALA C 194 12.84 -27.71 -9.33
C ALA C 194 11.86 -28.82 -8.95
N ILE C 195 11.50 -29.65 -9.94
CA ILE C 195 10.54 -30.71 -9.74
C ILE C 195 11.11 -31.77 -8.81
N SER C 196 12.35 -32.16 -9.03
CA SER C 196 13.01 -33.16 -8.19
C SER C 196 13.07 -32.71 -6.72
N LEU C 197 13.47 -31.45 -6.50
CA LEU C 197 13.54 -30.94 -5.15
C LEU C 197 12.15 -30.88 -4.50
N ALA C 198 11.16 -30.37 -5.24
CA ALA C 198 9.82 -30.25 -4.69
C ALA C 198 9.21 -31.61 -4.36
N LYS C 199 9.41 -32.59 -5.26
CA LYS C 199 8.89 -33.93 -5.06
C LYS C 199 9.57 -34.60 -3.87
N THR C 200 10.90 -34.54 -3.80
CA THR C 200 11.62 -35.12 -2.68
C THR C 200 11.20 -34.49 -1.36
N THR C 201 11.10 -33.16 -1.34
CA THR C 201 10.70 -32.44 -0.14
C THR C 201 9.30 -32.88 0.32
N PHE C 202 8.36 -32.89 -0.64
CA PHE C 202 6.99 -33.28 -0.35
C PHE C 202 6.94 -34.68 0.24
N ASP C 203 7.60 -35.63 -0.43
CA ASP C 203 7.55 -37.03 -0.03
C ASP C 203 8.19 -37.24 1.33
N GLU C 204 9.34 -36.62 1.59
CA GLU C 204 10.02 -36.80 2.86
C GLU C 204 9.25 -36.16 4.02
N ALA C 205 8.57 -35.04 3.73
CA ALA C 205 7.73 -34.41 4.72
C ALA C 205 6.49 -35.25 5.04
N MET C 206 5.86 -35.78 3.99
CA MET C 206 4.67 -36.61 4.15
C MET C 206 5.03 -37.87 4.95
N ALA C 207 6.22 -38.43 4.70
CA ALA C 207 6.67 -39.63 5.39
C ALA C 207 6.80 -39.45 6.89
N ASP C 208 7.09 -38.22 7.34
CA ASP C 208 7.22 -37.95 8.76
C ASP C 208 6.07 -37.13 9.34
N LEU C 209 5.02 -36.89 8.56
CA LEU C 209 3.94 -36.01 8.98
C LEU C 209 3.24 -36.51 10.25
N HIS C 210 3.19 -37.84 10.41
CA HIS C 210 2.54 -38.44 11.57
C HIS C 210 3.24 -38.10 12.88
N THR C 211 4.48 -37.60 12.82
CA THR C 211 5.22 -37.21 14.01
C THR C 211 5.12 -35.73 14.34
N LEU C 212 4.54 -34.94 13.43
CA LEU C 212 4.49 -33.48 13.54
C LEU C 212 3.88 -33.06 14.87
N SER C 213 4.52 -32.08 15.54
CA SER C 213 3.91 -31.43 16.69
C SER C 213 2.71 -30.62 16.20
N GLU C 214 1.66 -30.54 17.02
CA GLU C 214 0.46 -29.83 16.64
C GLU C 214 0.73 -28.36 16.35
N ASP C 215 1.72 -27.80 17.05
CA ASP C 215 2.09 -26.39 16.93
C ASP C 215 2.50 -26.01 15.51
N SER C 216 3.11 -26.97 14.78
CA SER C 216 3.61 -26.70 13.44
C SER C 216 2.75 -27.30 12.33
N TYR C 217 1.71 -28.06 12.70
CA TYR C 217 0.97 -28.86 11.76
C TYR C 217 0.34 -28.02 10.64
N LYS C 218 -0.31 -26.92 11.03
CA LYS C 218 -0.95 -26.03 10.08
C LYS C 218 0.04 -25.46 9.07
N ASP C 219 1.17 -24.94 9.57
CA ASP C 219 2.15 -24.31 8.71
C ASP C 219 2.82 -25.30 7.78
N SER C 220 3.22 -26.46 8.32
CA SER C 220 3.89 -27.47 7.50
C SER C 220 3.00 -28.02 6.40
N THR C 221 1.71 -28.27 6.73
CA THR C 221 0.78 -28.81 5.76
C THR C 221 0.49 -27.78 4.67
N LEU C 222 0.47 -26.49 5.04
CA LEU C 222 0.29 -25.44 4.05
C LEU C 222 1.43 -25.46 3.03
N ILE C 223 2.67 -25.50 3.52
CA ILE C 223 3.81 -25.49 2.62
C ILE C 223 3.79 -26.73 1.73
N MET C 224 3.43 -27.89 2.31
CA MET C 224 3.35 -29.11 1.53
C MET C 224 2.31 -28.98 0.40
N GLN C 225 1.20 -28.29 0.69
CA GLN C 225 0.18 -28.06 -0.32
C GLN C 225 0.73 -27.19 -1.46
N LEU C 226 1.53 -26.17 -1.13
CA LEU C 226 2.11 -25.31 -2.13
C LEU C 226 3.14 -26.06 -2.99
N LEU C 227 3.90 -26.98 -2.38
CA LEU C 227 4.78 -27.85 -3.15
C LEU C 227 3.96 -28.67 -4.16
N ARG C 228 2.83 -29.22 -3.70
CA ARG C 228 1.95 -30.01 -4.54
C ARG C 228 1.42 -29.15 -5.69
N ASP C 229 0.97 -27.93 -5.36
CA ASP C 229 0.41 -27.04 -6.37
C ASP C 229 1.45 -26.67 -7.42
N ASN C 230 2.68 -26.38 -6.99
CA ASN C 230 3.75 -26.09 -7.94
C ASN C 230 4.03 -27.31 -8.80
N LEU C 231 4.05 -28.49 -8.19
CA LEU C 231 4.31 -29.71 -8.94
C LEU C 231 3.25 -29.94 -10.01
N THR C 232 1.98 -29.64 -9.69
CA THR C 232 0.89 -29.75 -10.65
C THR C 232 1.08 -28.78 -11.80
N LEU C 233 1.46 -27.54 -11.47
CA LEU C 233 1.72 -26.49 -12.44
C LEU C 233 2.88 -26.85 -13.37
N TRP C 234 3.94 -27.43 -12.79
CA TRP C 234 5.18 -27.70 -13.52
C TRP C 234 5.15 -28.98 -14.36
N THR C 235 4.17 -29.85 -14.08
CA THR C 235 3.93 -31.07 -14.84
C THR C 235 2.50 -31.01 -15.40
N GLN D 1 0.41 -18.65 -14.97
CA GLN D 1 0.53 -18.59 -13.51
C GLN D 1 1.98 -18.76 -13.07
N ARG D 2 2.44 -17.85 -12.20
CA ARG D 2 3.77 -17.96 -11.60
C ARG D 2 3.77 -19.03 -10.51
N SER D 3 4.93 -19.61 -10.26
CA SER D 3 5.12 -20.52 -9.14
C SER D 3 4.81 -19.81 -7.83
N THR D 4 4.35 -20.55 -6.82
CA THR D 4 4.02 -19.96 -5.53
C THR D 4 5.19 -20.20 -4.58
N SEP D 5 5.65 -19.13 -3.92
CA SEP D 5 6.69 -19.25 -2.91
CB SEP D 5 7.73 -18.18 -3.10
OG SEP D 5 7.11 -16.89 -2.92
C SEP D 5 6.06 -19.23 -1.52
O SEP D 5 4.84 -19.18 -1.39
P SEP D 5 8.00 -15.60 -3.23
O1P SEP D 5 7.11 -14.42 -2.87
O2P SEP D 5 9.24 -15.71 -2.35
O3P SEP D 5 8.38 -15.65 -4.71
N THR D 6 6.90 -19.33 -0.48
CA THR D 6 6.42 -19.32 0.89
C THR D 6 5.61 -18.06 1.15
N PRO D 7 4.37 -18.18 1.68
CA PRO D 7 3.52 -17.01 1.87
C PRO D 7 4.04 -16.10 2.97
N ASN D 8 3.64 -14.84 2.87
CA ASN D 8 4.08 -13.82 3.83
C ASN D 8 3.13 -13.79 5.02
N VAL D 9 3.18 -14.85 5.82
CA VAL D 9 2.34 -14.99 6.99
C VAL D 9 3.28 -15.42 8.11
N HIS D 10 2.87 -15.21 9.36
CA HIS D 10 3.67 -15.64 10.49
C HIS D 10 3.87 -17.17 10.43
CL CL E . -22.89 30.90 -5.23
MG MG F . -11.90 29.48 -18.80
MG MG G . 5.00 20.81 -20.43
MG MG H . -0.11 16.29 16.79
MG MG I . -1.86 -4.78 35.03
C4 WQI J . -14.48 13.84 -10.78
C14 WQI J . -15.74 14.58 -10.35
C5 WQI J . -13.60 13.59 -9.57
C6 WQI J . -14.35 12.93 -8.44
C11 WQI J . -16.79 9.49 -6.86
C7 WQI J . -16.97 11.87 -6.81
C8 WQI J . -18.31 11.78 -7.17
C9 WQI J . -18.89 10.53 -7.35
C10 WQI J . -18.13 9.38 -7.19
C12 WQI J . -16.21 10.73 -6.66
C13 WQI J . -16.44 13.88 -9.20
N1 WQI J . -14.50 14.80 -13.06
N2 WQI J . -15.51 13.75 -8.07
C3 WQI J . -13.71 14.61 -11.84
C1 WQI J . -14.96 16.00 -13.44
O1 WQI J . -14.61 17.07 -12.91
S1 WQI J . -16.20 13.45 -6.62
C2 WQI J . -16.02 16.03 -14.51
O2 WQI J . -17.25 14.42 -6.43
O3 WQI J . -15.14 13.40 -5.67
I1 WQI J . -18.98 7.46 -7.49
CL CL K . 9.92 8.35 -13.24
MG MG L . 5.20 13.21 -25.26
MG MG M . 2.99 25.12 -20.36
CL CL N . 7.58 6.91 16.41
CL CL O . 27.09 -30.52 3.33
MG MG P . 23.04 -17.83 21.72
MG MG Q . 18.08 -1.28 24.15
MG MG R . 18.21 -0.49 -13.30
MG MG S . 0.39 3.83 -33.08
C4 WQI T . 9.64 -17.82 11.40
C14 WQI T . 10.25 -19.11 10.89
C5 WQI T . 9.74 -16.75 10.30
C6 WQI T . 9.13 -17.22 9.00
C11 WQI T . 6.34 -21.26 6.76
C7 WQI T . 7.95 -19.48 6.85
C8 WQI T . 6.93 -18.55 6.73
C9 WQI T . 5.61 -18.97 6.63
C10 WQI T . 5.32 -20.33 6.63
C12 WQI T . 7.66 -20.83 6.87
C13 WQI T . 9.61 -19.55 9.58
N1 WQI T . 10.13 -18.28 13.78
N2 WQI T . 9.77 -18.47 8.58
C3 WQI T . 10.30 -17.32 12.67
C1 WQI T . 11.16 -18.89 14.36
O1 WQI T . 12.35 -18.65 14.09
S1 WQI T . 9.61 -18.94 7.02
C2 WQI T . 10.78 -19.95 15.39
O2 WQI T . 10.50 -20.05 6.82
O3 WQI T . 9.80 -17.76 6.23
I1 WQI T . 3.31 -20.96 6.49
#